data_8T26
#
_entry.id   8T26
#
_cell.length_a   61.484
_cell.length_b   56.829
_cell.length_c   80.026
_cell.angle_alpha   90.000
_cell.angle_beta   96.300
_cell.angle_gamma   90.000
#
_symmetry.space_group_name_H-M   'P 1 21 1'
#
loop_
_entity.id
_entity.type
_entity.pdbx_description
1 polymer 'Sialidase, putative'
2 non-polymer 'N-acetyl-alpha-neuraminic acid'
3 non-polymer DI(HYDROXYETHYL)ETHER
4 non-polymer 'TRIETHYLENE GLYCOL'
5 non-polymer beta-D-galactopyranose
6 water water
#
_entity_poly.entity_id   1
_entity_poly.type   'polypeptide(L)'
_entity_poly.pdbx_seq_one_letter_code
;MRGSHHHHHHGSMQEVTMWGDSHGVAPNQVRRTLVKVALSESLPPGAKQIRIGFSLPKETEEKVTALYLLVSDSLAVRDL
PDYKGRVSYDSFPISKEDRTTALSADSVAGRRFFYLAADIGPVASFSRSDTLTARVEEVAVDGRPLPLKELSPASRRLYR
GYEALFVPGDGGSRNYRIPAILKTANGTLIAMADRRKYNQTALPEDIDIVMRRSTDGGKSWSDPRIIVQGEGRNHGFGDV
ALVQTQAGKLLMIFVGGVGLWQSTPDRPQRTYISESRDEGLTWSPPRDITHFIFGKDCADPGRSRWLASFCASGQGLVLP
SGRITFVAAIRESGQEYVLNNYVLYSDDEGDTWQLSDCAYRRGDEAKLSLMPDGRVLMSIRNQGRQESRQRFFALSSDDG
LTWERAKQFEGIHDPGCNGAMLQVKRNGRDQVLHSLPLGPDGRRDGAVYLFDHVSGRWSAPVVVNSGSSAYSDMTLLADG
TIGYFVEEGDEISLVFIRFVLDDLFDVRQ
;
_entity_poly.pdbx_strand_id   A
#
loop_
_chem_comp.id
_chem_comp.type
_chem_comp.name
_chem_comp.formula
GAL D-saccharide, beta linking beta-D-galactopyranose 'C6 H12 O6'
PEG non-polymer DI(HYDROXYETHYL)ETHER 'C4 H10 O3'
PGE non-polymer 'TRIETHYLENE GLYCOL' 'C6 H14 O4'
SIA D-saccharide, alpha linking 'N-acetyl-alpha-neuraminic acid' 'C11 H19 N O9'
#
# COMPACT_ATOMS: atom_id res chain seq x y z
N GLY A 3 -32.83 5.66 -20.64
CA GLY A 3 -31.59 5.95 -19.95
C GLY A 3 -31.65 7.17 -19.04
N SER A 4 -30.57 7.42 -18.30
CA SER A 4 -30.54 8.53 -17.35
C SER A 4 -30.50 9.88 -18.05
N HIS A 5 -30.04 9.92 -19.29
CA HIS A 5 -29.95 11.16 -20.04
C HIS A 5 -30.72 11.03 -21.34
N HIS A 6 -31.16 12.18 -21.85
CA HIS A 6 -31.79 12.19 -23.16
C HIS A 6 -30.70 12.09 -24.23
N HIS A 7 -30.88 11.16 -25.17
CA HIS A 7 -29.95 10.97 -26.28
C HIS A 7 -30.65 11.40 -27.56
N HIS A 8 -30.06 12.36 -28.26
CA HIS A 8 -30.74 12.86 -29.45
C HIS A 8 -30.48 11.94 -30.64
N HIS A 9 -31.23 12.18 -31.71
CA HIS A 9 -31.11 11.39 -32.93
C HIS A 9 -30.78 12.27 -34.14
N HIS A 10 -29.80 13.16 -34.00
CA HIS A 10 -29.32 13.93 -35.14
C HIS A 10 -27.82 13.79 -35.33
N GLY A 11 -27.22 12.72 -34.80
CA GLY A 11 -25.82 12.46 -35.07
C GLY A 11 -25.04 11.93 -33.88
N SER A 12 -23.84 11.40 -34.16
CA SER A 12 -22.98 10.93 -33.09
C SER A 12 -22.46 12.10 -32.29
N MET A 13 -22.44 11.95 -30.96
CA MET A 13 -22.07 13.03 -30.05
C MET A 13 -20.81 12.64 -29.27
N GLN A 14 -19.69 13.23 -29.65
CA GLN A 14 -18.48 13.15 -28.85
C GLN A 14 -18.78 13.61 -27.43
N GLU A 15 -18.15 12.96 -26.44
CA GLU A 15 -18.31 13.34 -25.04
C GLU A 15 -16.94 13.39 -24.39
N VAL A 16 -16.69 14.43 -23.59
CA VAL A 16 -15.37 14.63 -22.97
C VAL A 16 -15.48 14.52 -21.46
N THR A 17 -14.63 13.69 -20.87
CA THR A 17 -14.57 13.50 -19.42
C THR A 17 -13.18 13.88 -18.92
N MET A 18 -13.09 14.50 -17.75
CA MET A 18 -11.78 14.85 -17.22
C MET A 18 -11.69 14.56 -15.73
N TRP A 19 -10.50 14.15 -15.28
N TRP A 19 -10.50 14.17 -15.29
CA TRP A 19 -10.22 13.86 -13.88
CA TRP A 19 -10.21 13.86 -13.89
C TRP A 19 -8.99 14.67 -13.48
C TRP A 19 -8.98 14.67 -13.49
N GLY A 20 -9.10 15.47 -12.43
CA GLY A 20 -7.90 16.00 -11.79
C GLY A 20 -7.25 14.92 -10.94
N ASP A 21 -5.93 14.96 -10.86
CA ASP A 21 -5.19 13.95 -10.11
C ASP A 21 -4.92 14.33 -8.67
N SER A 22 -4.97 13.32 -7.79
N SER A 22 -4.97 13.32 -7.78
CA SER A 22 -4.76 13.52 -6.36
CA SER A 22 -4.71 13.58 -6.36
C SER A 22 -3.75 12.54 -5.77
C SER A 22 -3.65 12.66 -5.77
N HIS A 23 -2.88 11.96 -6.60
CA HIS A 23 -1.78 11.17 -6.04
C HIS A 23 -0.69 12.09 -5.50
N GLY A 24 0.08 11.59 -4.55
CA GLY A 24 1.21 12.34 -4.04
C GLY A 24 2.31 12.51 -5.08
N VAL A 25 3.21 13.46 -4.81
CA VAL A 25 4.38 13.71 -5.66
C VAL A 25 5.56 14.03 -4.76
N ALA A 26 6.75 14.01 -5.35
CA ALA A 26 7.97 14.39 -4.66
C ALA A 26 8.82 15.25 -5.56
N PRO A 27 9.81 15.95 -5.01
CA PRO A 27 10.62 16.83 -5.85
C PRO A 27 11.30 16.08 -6.98
N ASN A 28 11.48 16.78 -8.10
CA ASN A 28 12.29 16.35 -9.24
C ASN A 28 11.66 15.25 -10.08
N GLN A 29 10.42 14.87 -9.83
CA GLN A 29 9.80 13.80 -10.60
C GLN A 29 9.35 14.30 -11.97
N VAL A 30 9.33 13.40 -12.95
N VAL A 30 9.31 13.39 -12.94
CA VAL A 30 9.11 13.77 -14.36
CA VAL A 30 9.14 13.72 -14.36
C VAL A 30 7.73 13.33 -14.81
C VAL A 30 7.76 13.29 -14.84
N ARG A 31 7.11 14.16 -15.64
N ARG A 31 7.14 14.13 -15.66
CA ARG A 31 5.87 13.82 -16.35
CA ARG A 31 5.87 13.85 -16.34
C ARG A 31 4.77 13.34 -15.39
C ARG A 31 4.80 13.32 -15.37
N ARG A 32 4.55 14.12 -14.34
CA ARG A 32 3.50 13.83 -13.37
C ARG A 32 2.17 14.36 -13.90
N THR A 33 1.16 13.50 -13.97
CA THR A 33 -0.15 13.94 -14.45
C THR A 33 -0.82 14.89 -13.47
N LEU A 34 -1.28 16.04 -13.97
CA LEU A 34 -2.13 16.92 -13.18
C LEU A 34 -3.60 16.74 -13.54
N VAL A 35 -3.93 16.65 -14.83
CA VAL A 35 -5.30 16.44 -15.29
C VAL A 35 -5.29 15.44 -16.44
N LYS A 36 -6.26 14.55 -16.45
CA LYS A 36 -6.43 13.55 -17.50
C LYS A 36 -7.73 13.87 -18.24
N VAL A 37 -7.71 13.78 -19.57
CA VAL A 37 -8.88 14.10 -20.40
C VAL A 37 -9.12 12.91 -21.31
N ALA A 38 -10.37 12.44 -21.36
CA ALA A 38 -10.73 11.33 -22.24
C ALA A 38 -11.84 11.75 -23.19
N LEU A 39 -11.61 11.55 -24.48
CA LEU A 39 -12.69 11.58 -25.46
C LEU A 39 -13.42 10.25 -25.49
N SER A 40 -14.73 10.31 -25.76
N SER A 40 -14.73 10.32 -25.75
CA SER A 40 -15.51 9.07 -25.84
CA SER A 40 -15.53 9.10 -25.85
C SER A 40 -15.30 8.35 -27.17
C SER A 40 -15.23 8.33 -27.13
N GLU A 41 -14.82 9.04 -28.20
CA GLU A 41 -14.48 8.39 -29.46
C GLU A 41 -13.30 9.14 -30.06
N SER A 42 -12.66 8.52 -31.05
CA SER A 42 -11.56 9.21 -31.74
C SER A 42 -12.06 10.49 -32.39
N LEU A 43 -11.15 11.42 -32.60
CA LEU A 43 -11.49 12.54 -33.44
C LEU A 43 -12.03 12.02 -34.78
N PRO A 44 -13.17 12.52 -35.24
N PRO A 44 -13.08 12.63 -35.32
CA PRO A 44 -13.78 11.95 -36.44
CA PRO A 44 -13.66 12.14 -36.58
C PRO A 44 -12.95 12.28 -37.67
C PRO A 44 -12.68 12.30 -37.73
N PRO A 45 -13.07 11.50 -38.73
N PRO A 45 -12.86 11.56 -38.82
CA PRO A 45 -12.36 11.85 -39.97
CA PRO A 45 -11.87 11.61 -39.91
C PRO A 45 -12.75 13.25 -40.40
C PRO A 45 -11.63 13.01 -40.46
N GLY A 46 -11.79 13.93 -41.02
N GLY A 46 -12.65 13.87 -40.44
CA GLY A 46 -11.96 15.32 -41.38
CA GLY A 46 -12.50 15.22 -40.94
C GLY A 46 -11.58 16.31 -40.31
C GLY A 46 -11.92 16.22 -39.97
N ALA A 47 -11.57 15.90 -39.04
N ALA A 47 -11.63 15.81 -38.73
CA ALA A 47 -11.12 16.79 -37.98
CA ALA A 47 -11.10 16.75 -37.76
C ALA A 47 -9.67 17.16 -38.20
C ALA A 47 -9.67 17.14 -38.14
N LYS A 48 -9.30 18.37 -37.82
CA LYS A 48 -7.95 18.87 -38.07
C LYS A 48 -7.16 19.20 -36.83
N GLN A 49 -7.80 19.57 -35.72
CA GLN A 49 -7.04 20.03 -34.57
C GLN A 49 -7.86 19.87 -33.31
N ILE A 50 -7.17 19.53 -32.21
CA ILE A 50 -7.74 19.63 -30.88
C ILE A 50 -6.94 20.66 -30.10
N ARG A 51 -7.64 21.56 -29.41
N ARG A 51 -7.65 21.53 -29.38
CA ARG A 51 -7.00 22.57 -28.58
CA ARG A 51 -7.04 22.59 -28.59
C ARG A 51 -7.45 22.37 -27.14
C ARG A 51 -7.48 22.43 -27.13
N ILE A 52 -6.51 22.45 -26.21
CA ILE A 52 -6.78 22.26 -24.79
C ILE A 52 -6.29 23.50 -24.06
N GLY A 53 -7.22 24.20 -23.40
CA GLY A 53 -6.89 25.35 -22.57
C GLY A 53 -6.93 24.93 -21.11
N PHE A 54 -6.09 25.53 -20.29
CA PHE A 54 -5.99 25.08 -18.90
C PHE A 54 -5.58 26.24 -18.00
N SER A 55 -5.78 26.04 -16.70
CA SER A 55 -5.37 26.99 -15.68
C SER A 55 -4.40 26.29 -14.75
N LEU A 56 -3.58 27.10 -14.12
CA LEU A 56 -2.54 26.58 -13.24
C LEU A 56 -2.14 27.77 -12.38
N PRO A 57 -2.36 27.70 -11.06
CA PRO A 57 -2.06 28.85 -10.21
C PRO A 57 -0.57 29.12 -10.17
N LYS A 58 -0.24 30.39 -9.85
CA LYS A 58 1.16 30.79 -9.74
C LYS A 58 1.94 29.87 -8.80
N GLU A 59 1.33 29.48 -7.69
CA GLU A 59 2.02 28.64 -6.71
C GLU A 59 2.42 27.30 -7.31
N THR A 60 1.58 26.75 -8.19
CA THR A 60 1.96 25.51 -8.86
C THR A 60 2.99 25.77 -9.95
N GLU A 61 2.81 26.86 -10.72
CA GLU A 61 3.78 27.16 -11.77
C GLU A 61 5.18 27.30 -11.21
N GLU A 62 5.31 27.90 -10.03
CA GLU A 62 6.63 28.09 -9.43
C GLU A 62 7.27 26.80 -8.97
N LYS A 63 6.50 25.72 -8.84
CA LYS A 63 7.00 24.44 -8.34
C LYS A 63 7.25 23.43 -9.45
N VAL A 64 6.99 23.79 -10.71
CA VAL A 64 7.25 22.90 -11.82
C VAL A 64 8.30 23.54 -12.72
N THR A 65 8.98 22.71 -13.49
CA THR A 65 10.01 23.17 -14.42
C THR A 65 9.61 23.09 -15.88
N ALA A 66 8.61 22.26 -16.21
CA ALA A 66 8.18 22.09 -17.59
C ALA A 66 6.78 21.51 -17.55
N LEU A 67 6.00 21.77 -18.60
CA LEU A 67 4.69 21.18 -18.79
C LEU A 67 4.67 20.39 -20.09
N TYR A 68 3.71 19.47 -20.20
CA TYR A 68 3.60 18.63 -21.38
C TYR A 68 2.14 18.27 -21.58
N LEU A 69 1.78 18.00 -22.83
CA LEU A 69 0.56 17.28 -23.15
C LEU A 69 0.99 15.87 -23.57
N LEU A 70 0.58 14.87 -22.83
CA LEU A 70 0.86 13.50 -23.25
C LEU A 70 -0.38 12.92 -23.92
N VAL A 71 -0.15 12.07 -24.92
CA VAL A 71 -1.25 11.47 -25.67
C VAL A 71 -1.02 9.97 -25.72
N SER A 72 -2.06 9.19 -25.39
CA SER A 72 -1.91 7.75 -25.32
C SER A 72 -3.16 7.06 -25.86
N ASP A 73 -3.00 5.83 -26.33
CA ASP A 73 -4.15 4.99 -26.60
C ASP A 73 -4.70 4.32 -25.35
N SER A 74 -4.03 4.47 -24.22
CA SER A 74 -4.43 3.88 -22.95
C SER A 74 -4.88 4.94 -21.97
N LEU A 75 -5.93 4.62 -21.20
CA LEU A 75 -6.36 5.45 -20.09
C LEU A 75 -5.84 4.80 -18.82
N ALA A 76 -4.83 5.40 -18.23
CA ALA A 76 -4.13 4.80 -17.09
C ALA A 76 -4.52 5.50 -15.80
N VAL A 77 -4.41 4.74 -14.70
CA VAL A 77 -4.74 5.26 -13.38
C VAL A 77 -3.61 6.16 -12.86
N ARG A 78 -2.37 5.71 -13.01
CA ARG A 78 -1.22 6.39 -12.42
C ARG A 78 -0.45 7.18 -13.47
N ASP A 79 0.57 7.91 -12.99
CA ASP A 79 1.48 8.63 -13.87
C ASP A 79 2.03 7.68 -14.93
N LEU A 80 2.11 8.15 -16.18
CA LEU A 80 2.47 7.25 -17.27
C LEU A 80 3.85 6.61 -17.11
N PRO A 81 4.88 7.30 -16.59
CA PRO A 81 6.14 6.60 -16.33
C PRO A 81 6.05 5.45 -15.35
N ASP A 82 5.01 5.41 -14.50
N ASP A 82 5.02 5.41 -14.50
CA ASP A 82 4.90 4.29 -13.55
CA ASP A 82 4.89 4.31 -13.55
C ASP A 82 4.71 2.96 -14.27
C ASP A 82 4.70 2.96 -14.26
N TYR A 83 4.23 2.97 -15.51
CA TYR A 83 4.03 1.73 -16.28
C TYR A 83 5.25 1.34 -17.09
N LYS A 84 6.33 2.11 -17.02
CA LYS A 84 7.65 1.65 -17.47
C LYS A 84 7.67 1.27 -18.96
N GLY A 85 6.90 2.01 -19.75
CA GLY A 85 6.78 1.77 -21.17
C GLY A 85 5.62 0.89 -21.58
N ARG A 86 4.95 0.25 -20.61
CA ARG A 86 3.84 -0.63 -20.98
C ARG A 86 2.67 0.20 -21.50
N VAL A 87 2.61 1.47 -21.09
CA VAL A 87 1.70 2.43 -21.69
C VAL A 87 2.54 3.28 -22.65
N SER A 88 2.22 3.18 -23.95
CA SER A 88 2.90 3.98 -24.97
C SER A 88 2.23 5.34 -25.05
N TYR A 89 3.06 6.39 -25.13
CA TYR A 89 2.53 7.74 -25.23
C TYR A 89 3.52 8.62 -25.94
N ASP A 90 3.00 9.68 -26.55
CA ASP A 90 3.83 10.75 -27.08
C ASP A 90 3.77 11.93 -26.12
N SER A 91 4.85 12.71 -26.08
N SER A 91 4.85 12.71 -26.09
CA SER A 91 4.97 13.81 -25.15
CA SER A 91 4.99 13.81 -25.16
C SER A 91 5.22 15.10 -25.93
C SER A 91 5.20 15.09 -25.95
N PHE A 92 4.33 16.07 -25.74
CA PHE A 92 4.40 17.34 -26.46
C PHE A 92 4.67 18.47 -25.50
N PRO A 93 5.84 19.09 -25.54
CA PRO A 93 6.18 20.11 -24.56
C PRO A 93 5.34 21.37 -24.66
N ILE A 94 5.08 21.96 -23.50
CA ILE A 94 4.39 23.24 -23.37
C ILE A 94 5.26 24.12 -22.49
N SER A 95 5.47 25.37 -22.91
CA SER A 95 6.13 26.34 -22.04
C SER A 95 5.32 26.52 -20.77
N LYS A 96 6.01 26.50 -19.62
CA LYS A 96 5.32 26.48 -18.34
C LYS A 96 4.46 27.72 -18.10
N GLU A 97 4.67 28.78 -18.87
N GLU A 97 4.67 28.79 -18.86
CA GLU A 97 3.88 30.00 -18.75
CA GLU A 97 3.88 30.00 -18.74
C GLU A 97 2.68 30.04 -19.68
C GLU A 97 2.65 30.00 -19.63
N ASP A 98 2.58 29.11 -20.63
CA ASP A 98 1.44 29.07 -21.54
C ASP A 98 0.25 28.38 -20.88
N ARG A 99 -0.95 28.69 -21.39
CA ARG A 99 -2.19 28.16 -20.83
C ARG A 99 -3.09 27.57 -21.92
N THR A 100 -2.54 27.33 -23.10
CA THR A 100 -3.27 26.63 -24.14
C THR A 100 -2.26 25.84 -24.98
N THR A 101 -2.75 24.81 -25.65
CA THR A 101 -1.89 24.03 -26.51
C THR A 101 -2.78 23.34 -27.53
N ALA A 102 -2.24 23.06 -28.71
CA ALA A 102 -3.03 22.43 -29.76
C ALA A 102 -2.21 21.35 -30.45
N LEU A 103 -2.92 20.33 -30.96
CA LEU A 103 -2.29 19.22 -31.66
C LEU A 103 -3.10 18.96 -32.92
N SER A 104 -2.43 18.61 -34.00
CA SER A 104 -3.16 18.21 -35.19
C SER A 104 -3.81 16.85 -34.96
N ALA A 105 -4.92 16.61 -35.69
CA ALA A 105 -5.56 15.30 -35.60
C ALA A 105 -4.61 14.20 -36.05
N ASP A 106 -3.71 14.51 -36.98
CA ASP A 106 -2.74 13.51 -37.44
C ASP A 106 -1.76 13.13 -36.34
N SER A 107 -1.29 14.10 -35.56
CA SER A 107 -0.43 13.78 -34.41
C SER A 107 -1.18 12.95 -33.39
N VAL A 108 -2.45 13.27 -33.15
CA VAL A 108 -3.25 12.49 -32.19
C VAL A 108 -3.42 11.06 -32.67
N ALA A 109 -3.49 10.85 -33.99
CA ALA A 109 -3.45 9.51 -34.57
C ALA A 109 -4.53 8.59 -34.00
N GLY A 110 -5.74 9.13 -33.84
CA GLY A 110 -6.86 8.31 -33.43
C GLY A 110 -6.98 8.07 -31.95
N ARG A 111 -6.04 8.57 -31.15
CA ARG A 111 -6.03 8.28 -29.72
C ARG A 111 -7.03 9.19 -28.99
N ARG A 112 -7.45 8.74 -27.80
CA ARG A 112 -8.53 9.38 -27.07
C ARG A 112 -8.11 9.98 -25.73
N PHE A 113 -6.89 9.73 -25.27
CA PHE A 113 -6.54 10.04 -23.88
C PHE A 113 -5.39 11.05 -23.81
N PHE A 114 -5.63 12.14 -23.09
CA PHE A 114 -4.73 13.28 -23.03
C PHE A 114 -4.40 13.58 -21.58
N TYR A 115 -3.14 13.93 -21.32
CA TYR A 115 -2.66 14.13 -19.96
C TYR A 115 -1.91 15.44 -19.92
N LEU A 116 -2.39 16.38 -19.11
CA LEU A 116 -1.62 17.59 -18.82
C LEU A 116 -0.68 17.23 -17.69
N ALA A 117 0.62 17.23 -17.97
CA ALA A 117 1.62 16.71 -17.06
C ALA A 117 2.74 17.72 -16.86
N ALA A 118 3.52 17.50 -15.81
CA ALA A 118 4.52 18.47 -15.40
C ALA A 118 5.73 17.75 -14.82
N ASP A 119 6.92 18.36 -15.02
CA ASP A 119 8.12 17.99 -14.29
C ASP A 119 8.18 18.84 -13.02
N ILE A 120 8.42 18.19 -11.88
CA ILE A 120 8.41 18.85 -10.58
C ILE A 120 9.80 19.41 -10.29
N GLY A 121 9.85 20.61 -9.72
CA GLY A 121 11.10 21.25 -9.37
C GLY A 121 11.70 20.64 -8.12
N PRO A 122 12.84 21.21 -7.72
CA PRO A 122 13.58 20.69 -6.57
C PRO A 122 13.11 21.19 -5.22
N VAL A 123 12.11 22.06 -5.15
CA VAL A 123 11.83 22.78 -3.92
C VAL A 123 10.46 22.39 -3.38
N ALA A 124 10.32 22.50 -2.05
CA ALA A 124 9.06 22.24 -1.37
C ALA A 124 9.13 22.56 0.12
N SER A 125 7.99 22.90 0.72
CA SER A 125 7.88 23.06 2.16
C SER A 125 7.29 21.83 2.83
N PHE A 126 6.62 20.98 2.06
CA PHE A 126 6.06 19.70 2.51
C PHE A 126 4.93 19.86 3.51
N SER A 127 4.45 21.08 3.74
CA SER A 127 3.34 21.28 4.66
C SER A 127 2.04 20.75 4.02
N ARG A 128 1.01 20.65 4.86
CA ARG A 128 -0.30 20.19 4.40
C ARG A 128 -0.75 20.96 3.17
N SER A 129 -0.47 22.27 3.13
CA SER A 129 -0.90 23.16 2.04
C SER A 129 0.04 23.16 0.85
N ASP A 130 1.13 22.39 0.89
CA ASP A 130 2.09 22.32 -0.21
C ASP A 130 1.61 21.36 -1.29
N THR A 131 0.66 21.83 -2.10
CA THR A 131 -0.02 20.99 -3.08
C THR A 131 0.08 21.61 -4.47
N LEU A 132 -0.04 20.75 -5.47
CA LEU A 132 -0.01 21.17 -6.86
C LEU A 132 -1.39 20.96 -7.47
N THR A 133 -1.81 21.89 -8.33
CA THR A 133 -3.12 21.75 -8.95
C THR A 133 -3.11 22.38 -10.35
N ALA A 134 -4.06 21.96 -11.16
CA ALA A 134 -4.32 22.54 -12.47
C ALA A 134 -5.74 22.15 -12.83
N ARG A 135 -6.30 22.81 -13.84
CA ARG A 135 -7.65 22.47 -14.28
C ARG A 135 -7.72 22.64 -15.79
N VAL A 136 -8.33 21.68 -16.47
CA VAL A 136 -8.58 21.89 -17.90
C VAL A 136 -9.84 22.74 -18.05
N GLU A 137 -9.73 23.82 -18.81
CA GLU A 137 -10.78 24.81 -18.92
C GLU A 137 -11.52 24.76 -20.25
N GLU A 138 -10.90 24.24 -21.31
N GLU A 138 -10.89 24.27 -21.32
CA GLU A 138 -11.53 24.19 -22.60
CA GLU A 138 -11.53 24.21 -22.62
C GLU A 138 -10.94 23.04 -23.40
C GLU A 138 -10.94 23.06 -23.40
N VAL A 139 -11.78 22.33 -24.12
CA VAL A 139 -11.36 21.35 -25.10
C VAL A 139 -12.16 21.67 -26.36
N ALA A 140 -11.46 22.04 -27.44
CA ALA A 140 -12.14 22.46 -28.65
C ALA A 140 -11.60 21.67 -29.82
N VAL A 141 -12.49 21.18 -30.67
CA VAL A 141 -12.12 20.43 -31.88
C VAL A 141 -12.47 21.32 -33.05
N ASP A 142 -11.47 21.66 -33.86
CA ASP A 142 -11.66 22.57 -34.99
C ASP A 142 -12.31 23.89 -34.56
N GLY A 143 -11.89 24.38 -33.39
CA GLY A 143 -12.39 25.64 -32.89
C GLY A 143 -13.74 25.58 -32.19
N ARG A 144 -14.36 24.40 -32.10
CA ARG A 144 -15.67 24.28 -31.46
C ARG A 144 -15.49 23.67 -30.07
N PRO A 145 -15.85 24.37 -29.00
CA PRO A 145 -15.69 23.81 -27.66
C PRO A 145 -16.69 22.69 -27.41
N LEU A 146 -16.29 21.78 -26.52
CA LEU A 146 -17.09 20.65 -26.08
C LEU A 146 -17.37 20.80 -24.59
N PRO A 147 -18.56 20.43 -24.13
CA PRO A 147 -18.83 20.46 -22.69
C PRO A 147 -17.97 19.43 -21.98
N LEU A 148 -17.42 19.81 -20.83
CA LEU A 148 -16.50 18.95 -20.10
C LEU A 148 -17.20 18.39 -18.87
N LYS A 149 -17.10 17.08 -18.67
CA LYS A 149 -17.60 16.42 -17.45
C LYS A 149 -16.43 16.30 -16.47
N GLU A 150 -16.47 17.07 -15.39
CA GLU A 150 -15.37 17.10 -14.42
C GLU A 150 -15.65 16.12 -13.28
N LEU A 151 -14.84 15.07 -13.17
CA LEU A 151 -15.13 14.06 -12.16
C LEU A 151 -14.30 14.16 -10.87
N SER A 152 -13.22 14.94 -10.87
CA SER A 152 -12.43 15.11 -9.66
C SER A 152 -11.56 16.36 -9.82
N PRO A 153 -11.30 17.09 -8.74
CA PRO A 153 -10.32 18.17 -8.79
C PRO A 153 -8.91 17.65 -8.59
N ALA A 154 -7.93 18.42 -9.08
CA ALA A 154 -6.52 18.06 -8.92
C ALA A 154 -6.00 18.61 -7.60
N SER A 155 -5.28 17.78 -6.86
N SER A 155 -5.24 17.78 -6.88
CA SER A 155 -4.62 18.22 -5.64
CA SER A 155 -4.63 18.21 -5.62
C SER A 155 -3.56 17.17 -5.30
C SER A 155 -3.56 17.18 -5.26
N ARG A 156 -2.33 17.43 -5.73
CA ARG A 156 -1.21 16.52 -5.50
C ARG A 156 -0.32 17.07 -4.38
N ARG A 157 -0.29 16.35 -3.26
CA ARG A 157 0.50 16.80 -2.12
C ARG A 157 1.96 16.43 -2.30
N LEU A 158 2.85 17.39 -2.00
CA LEU A 158 4.28 17.16 -2.05
C LEU A 158 4.70 16.45 -0.78
N TYR A 159 5.45 15.36 -0.93
CA TYR A 159 6.07 14.62 0.16
C TYR A 159 7.57 14.56 -0.07
N ARG A 160 8.32 14.32 1.01
CA ARG A 160 9.77 14.23 0.87
C ARG A 160 10.17 13.07 -0.03
N GLY A 161 9.38 12.02 -0.03
CA GLY A 161 9.57 10.93 -0.98
C GLY A 161 8.23 10.35 -1.37
N TYR A 162 8.11 9.91 -2.63
CA TYR A 162 6.87 9.28 -3.06
C TYR A 162 7.19 8.46 -4.29
N GLU A 163 7.02 7.15 -4.19
CA GLU A 163 7.35 6.29 -5.34
C GLU A 163 6.52 5.02 -5.33
N ALA A 164 5.90 4.70 -6.46
CA ALA A 164 5.19 3.42 -6.56
C ALA A 164 6.23 2.33 -6.84
N LEU A 165 6.40 1.40 -5.87
CA LEU A 165 7.44 0.41 -6.01
C LEU A 165 6.95 -0.82 -6.75
N PHE A 166 5.64 -1.08 -6.73
CA PHE A 166 5.05 -2.22 -7.44
C PHE A 166 3.77 -1.74 -8.10
N VAL A 167 3.71 -1.81 -9.43
CA VAL A 167 2.59 -1.29 -10.20
C VAL A 167 2.04 -2.43 -11.04
N PRO A 168 0.71 -2.58 -11.16
CA PRO A 168 0.12 -3.63 -12.02
C PRO A 168 0.83 -3.70 -13.36
N GLY A 169 1.23 -4.92 -13.73
CA GLY A 169 1.95 -5.18 -14.96
C GLY A 169 3.46 -5.30 -14.80
N ASP A 170 4.05 -4.76 -13.73
CA ASP A 170 5.51 -4.84 -13.55
C ASP A 170 5.98 -6.28 -13.63
N GLY A 171 6.99 -6.54 -14.44
CA GLY A 171 7.61 -7.86 -14.49
C GLY A 171 6.74 -8.93 -15.07
N GLY A 172 5.59 -8.55 -15.64
CA GLY A 172 4.65 -9.51 -16.17
C GLY A 172 3.56 -9.92 -15.21
N SER A 173 3.62 -9.48 -13.96
CA SER A 173 2.57 -9.81 -12.99
C SER A 173 1.40 -8.87 -13.18
N ARG A 174 0.17 -9.42 -13.23
N ARG A 174 0.18 -9.42 -13.20
CA ARG A 174 -0.98 -8.54 -13.41
CA ARG A 174 -0.99 -8.57 -13.42
C ARG A 174 -1.15 -7.59 -12.22
C ARG A 174 -1.23 -7.64 -12.23
N ASN A 175 -0.99 -8.13 -11.01
CA ASN A 175 -1.38 -7.41 -9.80
C ASN A 175 -0.32 -7.56 -8.72
N TYR A 176 -0.44 -6.69 -7.71
CA TYR A 176 0.41 -6.71 -6.53
C TYR A 176 -0.44 -6.35 -5.32
N ARG A 177 -0.15 -6.99 -4.18
CA ARG A 177 -0.84 -6.66 -2.92
C ARG A 177 0.08 -7.01 -1.77
N ILE A 178 -0.30 -6.56 -0.57
CA ILE A 178 0.22 -7.08 0.71
C ILE A 178 1.64 -6.58 0.96
N PRO A 179 1.79 -5.30 1.28
CA PRO A 179 3.12 -4.69 1.45
C PRO A 179 3.79 -5.02 2.78
N ALA A 180 5.10 -5.16 2.73
CA ALA A 180 5.92 -5.29 3.93
C ALA A 180 7.19 -4.48 3.75
N ILE A 181 7.58 -3.74 4.78
CA ILE A 181 8.78 -2.91 4.72
C ILE A 181 9.66 -3.21 5.94
N LEU A 182 10.98 -3.22 5.71
CA LEU A 182 11.92 -3.40 6.82
C LEU A 182 13.12 -2.49 6.64
N LYS A 183 13.52 -1.77 7.71
CA LYS A 183 14.81 -1.08 7.70
C LYS A 183 15.76 -1.87 8.58
N THR A 184 16.92 -2.21 8.03
CA THR A 184 17.93 -2.93 8.82
C THR A 184 18.77 -1.96 9.65
N ALA A 185 19.55 -2.54 10.57
CA ALA A 185 20.45 -1.74 11.40
C ALA A 185 21.44 -0.96 10.56
N ASN A 186 21.89 -1.52 9.44
CA ASN A 186 22.80 -0.84 8.55
C ASN A 186 22.11 0.14 7.61
N GLY A 187 20.79 0.28 7.70
CA GLY A 187 20.07 1.25 6.89
C GLY A 187 19.48 0.73 5.59
N THR A 188 19.67 -0.55 5.25
CA THR A 188 19.06 -1.08 4.05
C THR A 188 17.55 -1.11 4.21
N LEU A 189 16.82 -0.79 3.15
CA LEU A 189 15.36 -0.96 3.15
C LEU A 189 15.01 -2.15 2.29
N ILE A 190 14.17 -3.03 2.81
CA ILE A 190 13.67 -4.20 2.08
C ILE A 190 12.17 -4.01 1.93
N ALA A 191 11.69 -4.06 0.69
CA ALA A 191 10.25 -3.99 0.45
C ALA A 191 9.79 -5.30 -0.17
N MET A 192 8.80 -5.95 0.43
CA MET A 192 8.32 -7.19 -0.18
C MET A 192 6.81 -7.10 -0.42
N ALA A 193 6.32 -7.99 -1.27
CA ALA A 193 4.90 -7.96 -1.63
C ALA A 193 4.49 -9.32 -2.13
N ASP A 194 3.17 -9.54 -2.17
CA ASP A 194 2.61 -10.61 -3.00
C ASP A 194 2.65 -10.16 -4.47
N ARG A 195 3.29 -10.97 -5.32
CA ARG A 195 3.26 -10.82 -6.78
C ARG A 195 2.04 -11.63 -7.22
N ARG A 196 0.90 -10.94 -7.30
CA ARG A 196 -0.39 -11.55 -7.61
C ARG A 196 -0.53 -11.60 -9.13
N LYS A 197 0.12 -12.64 -9.70
CA LYS A 197 0.46 -12.62 -11.12
C LYS A 197 -0.74 -12.71 -12.04
N TYR A 198 -1.85 -13.35 -11.61
CA TYR A 198 -2.95 -13.54 -12.54
C TYR A 198 -4.18 -12.69 -12.27
N ASN A 199 -4.30 -12.15 -11.07
CA ASN A 199 -5.47 -11.39 -10.63
C ASN A 199 -5.19 -10.93 -9.20
N GLN A 200 -6.11 -10.22 -8.57
CA GLN A 200 -5.82 -9.65 -7.25
C GLN A 200 -6.25 -10.53 -6.07
N THR A 201 -6.65 -11.78 -6.33
CA THR A 201 -7.21 -12.61 -5.26
C THR A 201 -6.17 -13.33 -4.42
N ALA A 202 -6.62 -13.75 -3.24
CA ALA A 202 -5.77 -14.34 -2.23
C ALA A 202 -5.44 -15.80 -2.53
N LEU A 203 -4.56 -16.37 -1.70
CA LEU A 203 -4.42 -17.81 -1.72
C LEU A 203 -5.81 -18.43 -1.53
N PRO A 204 -6.17 -19.50 -2.24
CA PRO A 204 -5.33 -20.45 -2.97
C PRO A 204 -4.95 -20.07 -4.39
N GLU A 205 -5.05 -18.81 -4.81
CA GLU A 205 -4.51 -18.48 -6.12
C GLU A 205 -2.99 -18.70 -6.12
N ASP A 206 -2.43 -18.81 -7.33
CA ASP A 206 -0.99 -18.98 -7.57
C ASP A 206 -0.34 -17.60 -7.46
N ILE A 207 0.49 -17.40 -6.43
CA ILE A 207 1.07 -16.10 -6.04
C ILE A 207 2.54 -16.33 -5.70
N ASP A 208 3.40 -15.36 -6.04
CA ASP A 208 4.82 -15.39 -5.70
C ASP A 208 5.08 -14.32 -4.64
N ILE A 209 6.21 -14.41 -3.97
CA ILE A 209 6.72 -13.33 -3.13
C ILE A 209 7.86 -12.63 -3.86
N VAL A 210 7.81 -11.28 -3.92
CA VAL A 210 8.78 -10.49 -4.66
C VAL A 210 9.38 -9.45 -3.73
N MET A 211 10.60 -9.01 -4.06
N MET A 211 10.56 -8.97 -4.10
CA MET A 211 11.35 -8.07 -3.22
CA MET A 211 11.27 -8.03 -3.22
C MET A 211 11.98 -6.99 -4.08
C MET A 211 12.04 -7.02 -4.04
N ARG A 212 12.14 -5.80 -3.49
CA ARG A 212 13.07 -4.80 -4.00
C ARG A 212 13.82 -4.25 -2.79
N ARG A 213 15.04 -3.76 -3.01
N ARG A 213 15.06 -3.79 -2.99
CA ARG A 213 15.86 -3.25 -1.92
CA ARG A 213 15.85 -3.27 -1.88
C ARG A 213 16.39 -1.88 -2.26
C ARG A 213 16.49 -1.93 -2.24
N SER A 214 16.69 -1.10 -1.21
CA SER A 214 17.31 0.20 -1.36
C SER A 214 18.43 0.34 -0.35
N THR A 215 19.60 0.79 -0.80
CA THR A 215 20.70 1.07 0.11
C THR A 215 20.95 2.56 0.28
N ASP A 216 20.04 3.41 -0.22
CA ASP A 216 20.21 4.85 -0.11
C ASP A 216 19.00 5.54 0.54
N GLY A 217 18.28 4.85 1.40
CA GLY A 217 17.21 5.47 2.14
C GLY A 217 15.93 5.62 1.37
N GLY A 218 15.76 4.86 0.29
CA GLY A 218 14.60 4.97 -0.54
C GLY A 218 14.75 5.90 -1.73
N LYS A 219 15.94 6.44 -1.96
N LYS A 219 15.94 6.46 -1.96
CA LYS A 219 16.17 7.26 -3.14
CA LYS A 219 16.16 7.26 -3.15
C LYS A 219 16.11 6.43 -4.42
C LYS A 219 16.09 6.43 -4.42
N SER A 220 16.62 5.20 -4.38
CA SER A 220 16.59 4.33 -5.54
C SER A 220 16.42 2.90 -5.06
N TRP A 221 15.86 2.05 -5.95
CA TRP A 221 15.48 0.69 -5.59
C TRP A 221 15.96 -0.29 -6.65
N SER A 222 16.44 -1.45 -6.20
CA SER A 222 16.86 -2.54 -7.08
C SER A 222 15.72 -3.05 -7.95
N ASP A 223 16.08 -3.71 -9.05
CA ASP A 223 15.08 -4.36 -9.89
C ASP A 223 14.37 -5.44 -9.07
N PRO A 224 13.07 -5.62 -9.25
CA PRO A 224 12.37 -6.64 -8.46
C PRO A 224 12.92 -8.03 -8.72
N ARG A 225 12.94 -8.83 -7.64
N ARG A 225 12.97 -8.82 -7.65
CA ARG A 225 13.41 -10.20 -7.68
CA ARG A 225 13.41 -10.21 -7.75
C ARG A 225 12.33 -11.07 -7.06
C ARG A 225 12.37 -11.08 -7.07
N ILE A 226 11.93 -12.12 -7.78
CA ILE A 226 11.05 -13.12 -7.18
C ILE A 226 11.89 -13.95 -6.21
N ILE A 227 11.52 -13.98 -4.95
N ILE A 227 11.49 -13.93 -4.94
CA ILE A 227 12.30 -14.78 -4.01
CA ILE A 227 12.16 -14.65 -3.85
C ILE A 227 11.61 -16.08 -3.58
C ILE A 227 11.62 -16.06 -3.71
N VAL A 228 10.29 -16.19 -3.68
CA VAL A 228 9.61 -17.48 -3.55
C VAL A 228 8.59 -17.57 -4.69
N GLN A 229 8.70 -18.61 -5.50
N GLN A 229 8.74 -18.60 -5.53
CA GLN A 229 7.87 -18.74 -6.70
CA GLN A 229 7.88 -18.78 -6.71
C GLN A 229 6.71 -19.70 -6.48
C GLN A 229 6.69 -19.68 -6.36
N GLY A 230 5.49 -19.19 -6.64
CA GLY A 230 4.33 -20.06 -6.58
C GLY A 230 4.34 -21.04 -7.74
N GLU A 231 3.80 -22.24 -7.48
CA GLU A 231 3.89 -23.34 -8.45
C GLU A 231 2.54 -23.80 -8.96
N GLY A 232 1.51 -22.99 -8.77
CA GLY A 232 0.19 -23.32 -9.27
C GLY A 232 -0.86 -22.99 -8.22
N ARG A 233 -2.15 -23.10 -8.59
N ARG A 233 -2.14 -23.10 -8.58
CA ARG A 233 -3.19 -22.95 -7.59
CA ARG A 233 -3.18 -22.93 -7.57
C ARG A 233 -2.93 -23.97 -6.48
C ARG A 233 -2.97 -23.96 -6.48
N ASN A 234 -3.17 -23.54 -5.23
CA ASN A 234 -2.93 -24.34 -4.03
C ASN A 234 -1.45 -24.50 -3.74
N HIS A 235 -0.57 -23.86 -4.52
N HIS A 235 -0.57 -23.84 -4.51
CA HIS A 235 0.86 -23.97 -4.34
CA HIS A 235 0.87 -23.97 -4.36
C HIS A 235 1.55 -22.62 -4.44
C HIS A 235 1.54 -22.62 -4.46
N GLY A 236 0.83 -21.56 -4.08
CA GLY A 236 1.37 -20.22 -4.05
C GLY A 236 1.90 -19.87 -2.68
N PHE A 237 2.47 -18.66 -2.58
CA PHE A 237 3.00 -18.16 -1.31
C PHE A 237 2.69 -16.68 -1.18
N GLY A 238 2.56 -16.20 0.06
CA GLY A 238 2.25 -14.79 0.24
C GLY A 238 2.10 -14.41 1.71
N ASP A 239 1.68 -13.16 1.93
CA ASP A 239 1.47 -12.58 3.27
C ASP A 239 2.76 -12.57 4.08
N VAL A 240 3.73 -11.77 3.59
CA VAL A 240 5.05 -11.69 4.22
C VAL A 240 5.03 -10.75 5.41
N ALA A 241 5.70 -11.17 6.48
CA ALA A 241 6.11 -10.23 7.53
C ALA A 241 7.61 -10.34 7.78
N LEU A 242 8.22 -9.21 8.18
CA LEU A 242 9.66 -9.09 8.24
C LEU A 242 10.12 -8.63 9.62
N VAL A 243 11.28 -9.14 10.05
CA VAL A 243 12.04 -8.58 11.17
C VAL A 243 13.52 -8.68 10.87
N GLN A 244 14.33 -7.96 11.68
CA GLN A 244 15.76 -8.25 11.75
C GLN A 244 16.03 -8.69 13.19
N THR A 245 16.69 -9.83 13.34
CA THR A 245 16.97 -10.36 14.67
C THR A 245 18.12 -9.59 15.32
N GLN A 246 18.28 -9.79 16.63
N GLN A 246 18.27 -9.80 16.63
CA GLN A 246 19.35 -9.12 17.34
CA GLN A 246 19.35 -9.14 17.36
C GLN A 246 20.72 -9.55 16.82
C GLN A 246 20.73 -9.56 16.87
N ALA A 247 20.84 -10.77 16.31
CA ALA A 247 22.12 -11.18 15.72
C ALA A 247 22.35 -10.55 14.37
N GLY A 248 21.31 -9.96 13.76
CA GLY A 248 21.46 -9.24 12.51
C GLY A 248 20.88 -9.94 11.31
N LYS A 249 20.45 -11.19 11.42
CA LYS A 249 19.88 -11.80 10.22
C LYS A 249 18.50 -11.23 9.97
N LEU A 250 18.11 -11.16 8.71
CA LEU A 250 16.74 -10.78 8.40
C LEU A 250 15.91 -12.04 8.35
N LEU A 251 14.68 -11.94 8.83
N LEU A 251 14.68 -11.96 8.85
CA LEU A 251 13.77 -13.08 8.85
CA LEU A 251 13.78 -13.10 8.85
C LEU A 251 12.45 -12.69 8.20
C LEU A 251 12.47 -12.69 8.19
N MET A 252 12.00 -13.50 7.24
CA MET A 252 10.68 -13.32 6.65
C MET A 252 9.86 -14.55 7.02
N ILE A 253 8.59 -14.31 7.36
CA ILE A 253 7.62 -15.37 7.65
C ILE A 253 6.46 -15.18 6.68
N PHE A 254 5.86 -16.28 6.24
CA PHE A 254 4.82 -16.18 5.22
C PHE A 254 4.04 -17.50 5.21
N VAL A 255 2.94 -17.50 4.49
CA VAL A 255 2.14 -18.73 4.32
C VAL A 255 2.19 -19.21 2.88
N GLY A 256 1.81 -20.46 2.69
CA GLY A 256 1.65 -20.93 1.33
C GLY A 256 0.60 -22.02 1.26
N GLY A 257 0.07 -22.19 0.07
CA GLY A 257 -0.81 -23.33 -0.13
C GLY A 257 -2.28 -22.97 -0.34
N VAL A 258 -3.16 -23.78 0.26
CA VAL A 258 -4.61 -23.55 0.16
C VAL A 258 -4.99 -22.26 0.88
N GLY A 259 -6.25 -21.84 0.72
CA GLY A 259 -6.73 -20.65 1.38
C GLY A 259 -6.91 -20.85 2.88
N LEU A 260 -6.89 -19.72 3.59
CA LEU A 260 -7.02 -19.75 5.05
C LEU A 260 -8.20 -20.58 5.54
N TRP A 261 -9.37 -20.40 4.91
CA TRP A 261 -10.56 -21.13 5.37
C TRP A 261 -10.63 -22.55 4.83
N GLN A 262 -9.76 -22.92 3.89
CA GLN A 262 -9.68 -24.26 3.35
C GLN A 262 -8.67 -25.13 4.08
N SER A 263 -7.79 -24.51 4.85
CA SER A 263 -6.75 -25.23 5.59
C SER A 263 -7.40 -26.17 6.61
N THR A 264 -6.78 -27.34 6.79
CA THR A 264 -7.23 -28.26 7.83
C THR A 264 -6.01 -28.82 8.57
N PRO A 265 -6.21 -29.48 9.73
CA PRO A 265 -5.05 -30.03 10.45
C PRO A 265 -4.22 -30.99 9.63
N ASP A 266 -4.88 -31.77 8.75
CA ASP A 266 -4.20 -32.78 7.97
C ASP A 266 -3.73 -32.28 6.60
N ARG A 267 -4.34 -31.20 6.09
N ARG A 267 -4.34 -31.21 6.08
CA ARG A 267 -3.93 -30.57 4.84
CA ARG A 267 -3.92 -30.58 4.83
C ARG A 267 -3.86 -29.07 5.10
C ARG A 267 -3.86 -29.08 5.09
N PRO A 268 -2.81 -28.62 5.76
CA PRO A 268 -2.74 -27.21 6.15
C PRO A 268 -2.32 -26.26 5.05
N GLN A 269 -2.75 -25.01 5.20
CA GLN A 269 -2.02 -23.87 4.67
C GLN A 269 -0.84 -23.64 5.62
N ARG A 270 0.37 -23.73 5.08
CA ARG A 270 1.58 -23.85 5.88
C ARG A 270 2.23 -22.49 6.12
N THR A 271 2.98 -22.40 7.22
CA THR A 271 3.78 -21.22 7.55
C THR A 271 5.25 -21.56 7.37
N TYR A 272 5.98 -20.68 6.70
CA TYR A 272 7.38 -20.87 6.40
C TYR A 272 8.19 -19.68 6.89
N ILE A 273 9.47 -19.94 7.17
CA ILE A 273 10.41 -18.85 7.39
C ILE A 273 11.61 -18.99 6.45
N SER A 274 12.20 -17.83 6.10
CA SER A 274 13.45 -17.79 5.36
C SER A 274 14.26 -16.65 5.95
N GLU A 275 15.58 -16.78 5.89
CA GLU A 275 16.46 -15.78 6.48
C GLU A 275 17.51 -15.32 5.47
N SER A 276 18.01 -14.09 5.69
CA SER A 276 19.08 -13.50 4.92
C SER A 276 20.15 -12.99 5.87
N ARG A 277 21.40 -13.31 5.57
CA ARG A 277 22.52 -12.86 6.38
C ARG A 277 23.31 -11.75 5.71
N ASP A 278 22.84 -11.25 4.56
CA ASP A 278 23.57 -10.30 3.74
C ASP A 278 22.67 -9.15 3.29
N GLU A 279 21.85 -8.63 4.22
CA GLU A 279 21.03 -7.43 3.95
C GLU A 279 20.03 -7.67 2.83
N GLY A 280 19.60 -8.92 2.66
CA GLY A 280 18.52 -9.24 1.74
C GLY A 280 18.97 -9.62 0.36
N LEU A 281 20.28 -9.70 0.14
CA LEU A 281 20.78 -10.12 -1.17
C LEU A 281 20.42 -11.56 -1.46
N THR A 282 20.61 -12.45 -0.47
CA THR A 282 20.30 -13.87 -0.64
C THR A 282 19.42 -14.36 0.50
N TRP A 283 18.68 -15.45 0.24
CA TRP A 283 17.68 -15.94 1.19
C TRP A 283 17.76 -17.46 1.23
N SER A 284 17.56 -18.02 2.43
CA SER A 284 17.58 -19.48 2.61
C SER A 284 16.32 -20.13 2.04
N PRO A 285 16.36 -21.41 1.67
CA PRO A 285 15.14 -22.08 1.22
C PRO A 285 14.06 -22.02 2.29
N PRO A 286 12.80 -21.86 1.91
CA PRO A 286 11.74 -21.75 2.93
C PRO A 286 11.72 -22.98 3.82
N ARG A 287 11.66 -22.75 5.14
CA ARG A 287 11.60 -23.82 6.14
C ARG A 287 10.19 -23.83 6.71
N ASP A 288 9.54 -25.00 6.64
CA ASP A 288 8.17 -25.16 7.14
C ASP A 288 8.21 -25.23 8.67
N ILE A 289 7.54 -24.30 9.35
CA ILE A 289 7.46 -24.30 10.81
C ILE A 289 6.02 -24.55 11.30
N THR A 290 5.15 -25.03 10.40
CA THR A 290 3.75 -25.26 10.76
C THR A 290 3.62 -26.14 11.99
N HIS A 291 4.49 -27.14 12.12
CA HIS A 291 4.41 -28.11 13.21
C HIS A 291 4.62 -27.48 14.59
N PHE A 292 5.25 -26.29 14.67
CA PHE A 292 5.37 -25.61 15.97
C PHE A 292 4.07 -24.91 16.35
N ILE A 293 3.12 -24.78 15.41
CA ILE A 293 1.93 -23.96 15.56
C ILE A 293 0.66 -24.81 15.73
N PHE A 294 0.39 -25.71 14.77
CA PHE A 294 -0.86 -26.43 14.80
C PHE A 294 -0.79 -27.64 13.90
N GLY A 295 -1.80 -28.49 14.01
CA GLY A 295 -2.02 -29.48 12.98
C GLY A 295 -1.42 -30.83 13.33
N LYS A 296 -1.50 -31.73 12.36
N LYS A 296 -1.51 -31.73 12.36
CA LYS A 296 -1.25 -33.14 12.64
CA LYS A 296 -1.24 -33.13 12.64
C LYS A 296 0.19 -33.46 13.05
C LYS A 296 0.17 -33.36 13.19
N ASP A 297 1.17 -32.59 12.75
CA ASP A 297 2.55 -32.82 13.17
C ASP A 297 2.94 -32.05 14.43
N CYS A 298 1.98 -31.36 15.06
CA CYS A 298 2.30 -30.56 16.24
C CYS A 298 2.47 -31.45 17.47
N ALA A 299 3.51 -31.19 18.26
CA ALA A 299 3.78 -32.03 19.43
C ALA A 299 2.84 -31.74 20.59
N ASP A 300 2.06 -30.65 20.53
CA ASP A 300 1.08 -30.34 21.57
C ASP A 300 -0.24 -30.92 21.08
N PRO A 301 -0.76 -31.98 21.70
N PRO A 301 -0.75 -31.99 21.69
CA PRO A 301 -2.01 -32.57 21.21
CA PRO A 301 -2.01 -32.57 21.21
C PRO A 301 -3.18 -31.62 21.32
C PRO A 301 -3.18 -31.61 21.31
N GLY A 302 -3.12 -30.63 22.20
CA GLY A 302 -4.15 -29.63 22.32
C GLY A 302 -4.26 -28.70 21.13
N ARG A 303 -3.27 -28.70 20.24
CA ARG A 303 -3.26 -27.86 19.05
C ARG A 303 -3.22 -28.68 17.78
N SER A 304 -3.18 -30.00 17.90
CA SER A 304 -3.05 -30.78 16.67
C SER A 304 -4.36 -30.87 15.90
N ARG A 305 -5.48 -30.42 16.47
CA ARG A 305 -6.72 -30.32 15.70
C ARG A 305 -7.09 -28.90 15.33
N TRP A 306 -6.25 -27.92 15.66
CA TRP A 306 -6.48 -26.59 15.13
C TRP A 306 -6.25 -26.61 13.61
N LEU A 307 -6.87 -25.66 12.90
CA LEU A 307 -7.05 -25.81 11.45
C LEU A 307 -6.17 -24.93 10.58
N ALA A 308 -5.75 -23.76 11.09
CA ALA A 308 -5.10 -22.78 10.22
C ALA A 308 -4.44 -21.74 11.10
N SER A 309 -3.43 -21.07 10.53
CA SER A 309 -2.76 -19.98 11.23
C SER A 309 -2.09 -19.12 10.18
N PHE A 310 -2.12 -17.80 10.36
CA PHE A 310 -1.24 -16.96 9.53
C PHE A 310 -0.79 -15.79 10.37
N CYS A 311 0.48 -15.42 10.20
CA CYS A 311 0.99 -14.23 10.87
C CYS A 311 0.63 -13.00 10.01
N ALA A 312 0.37 -11.89 10.68
CA ALA A 312 -0.09 -10.71 9.96
C ALA A 312 1.02 -10.15 9.08
N SER A 313 0.69 -9.87 7.83
CA SER A 313 1.71 -9.34 6.92
C SER A 313 2.15 -7.96 7.40
N GLY A 314 3.40 -7.63 7.10
CA GLY A 314 4.00 -6.35 7.46
C GLY A 314 5.26 -6.62 8.25
N GLN A 315 5.28 -6.27 9.53
CA GLN A 315 6.44 -6.51 10.38
C GLN A 315 6.03 -7.22 11.67
N GLY A 316 6.98 -7.99 12.20
CA GLY A 316 6.89 -8.50 13.57
C GLY A 316 7.52 -7.50 14.52
N LEU A 317 8.07 -8.01 15.61
CA LEU A 317 8.74 -7.18 16.60
C LEU A 317 9.80 -8.02 17.31
N VAL A 318 11.03 -7.52 17.35
CA VAL A 318 12.07 -8.16 18.13
C VAL A 318 12.24 -7.38 19.43
N LEU A 319 11.98 -8.03 20.56
CA LEU A 319 12.02 -7.35 21.84
C LEU A 319 13.45 -7.07 22.27
N PRO A 320 13.64 -6.16 23.22
CA PRO A 320 14.99 -5.90 23.74
C PRO A 320 15.71 -7.16 24.22
N SER A 321 14.99 -8.17 24.71
CA SER A 321 15.63 -9.40 25.14
C SER A 321 16.19 -10.20 23.98
N GLY A 322 15.76 -9.91 22.76
CA GLY A 322 16.12 -10.74 21.63
C GLY A 322 15.01 -11.69 21.22
N ARG A 323 13.96 -11.82 22.02
CA ARG A 323 12.80 -12.63 21.61
C ARG A 323 12.21 -12.10 20.31
N ILE A 324 12.01 -12.99 19.34
CA ILE A 324 11.45 -12.63 18.05
C ILE A 324 9.95 -12.95 18.10
N THR A 325 9.11 -11.99 17.71
CA THR A 325 7.65 -12.20 17.78
C THR A 325 6.95 -11.80 16.49
N PHE A 326 5.86 -12.52 16.21
CA PHE A 326 4.85 -12.17 15.22
C PHE A 326 3.52 -12.61 15.82
N VAL A 327 2.42 -11.91 15.53
CA VAL A 327 1.13 -12.39 16.04
C VAL A 327 0.50 -13.28 14.96
N ALA A 328 0.10 -14.47 15.36
CA ALA A 328 -0.64 -15.39 14.50
C ALA A 328 -2.13 -15.23 14.79
N ALA A 329 -2.94 -15.39 13.75
CA ALA A 329 -4.39 -15.48 13.90
C ALA A 329 -4.71 -16.91 13.54
N ILE A 330 -5.30 -17.64 14.48
CA ILE A 330 -5.40 -19.09 14.42
C ILE A 330 -6.85 -19.50 14.39
N ARG A 331 -7.18 -20.44 13.50
CA ARG A 331 -8.53 -20.98 13.45
C ARG A 331 -8.59 -22.25 14.28
N GLU A 332 -9.36 -22.22 15.37
CA GLU A 332 -9.40 -23.35 16.28
C GLU A 332 -10.54 -24.30 16.00
N SER A 333 -11.56 -23.87 15.25
CA SER A 333 -12.69 -24.75 15.01
C SER A 333 -13.19 -24.66 13.57
N GLY A 334 -13.54 -25.82 13.01
CA GLY A 334 -14.07 -25.87 11.67
C GLY A 334 -15.52 -25.49 11.53
N GLN A 335 -16.22 -25.27 12.63
N GLN A 335 -16.21 -25.24 12.63
CA GLN A 335 -17.63 -24.93 12.53
CA GLN A 335 -17.62 -24.88 12.60
C GLN A 335 -17.87 -23.46 12.24
C GLN A 335 -17.87 -23.39 12.49
N GLU A 336 -16.88 -22.60 12.51
N GLU A 336 -16.82 -22.56 12.56
CA GLU A 336 -17.07 -21.17 12.48
CA GLU A 336 -16.96 -21.12 12.67
C GLU A 336 -15.93 -20.54 11.70
C GLU A 336 -15.86 -20.47 11.82
N TYR A 337 -16.18 -19.32 11.20
CA TYR A 337 -15.16 -18.51 10.52
C TYR A 337 -14.63 -17.46 11.50
N VAL A 338 -13.94 -17.94 12.52
CA VAL A 338 -13.49 -17.13 13.66
C VAL A 338 -12.03 -17.46 13.89
N LEU A 339 -11.22 -16.45 14.24
CA LEU A 339 -9.83 -16.67 14.54
C LEU A 339 -9.51 -16.13 15.93
N ASN A 340 -8.51 -16.73 16.59
CA ASN A 340 -8.01 -16.23 17.89
C ASN A 340 -6.54 -15.89 17.76
N ASN A 341 -6.08 -14.81 18.43
CA ASN A 341 -4.69 -14.42 18.26
C ASN A 341 -3.82 -15.06 19.33
N TYR A 342 -2.61 -15.46 18.91
CA TYR A 342 -1.55 -15.97 19.78
C TYR A 342 -0.23 -15.39 19.26
N VAL A 343 0.67 -15.05 20.18
CA VAL A 343 1.99 -14.61 19.72
C VAL A 343 2.85 -15.83 19.42
N LEU A 344 3.44 -15.86 18.21
CA LEU A 344 4.39 -16.87 17.79
C LEU A 344 5.77 -16.28 18.04
N TYR A 345 6.58 -16.95 18.85
CA TYR A 345 7.83 -16.34 19.27
C TYR A 345 8.97 -17.34 19.29
N SER A 346 10.19 -16.80 19.19
CA SER A 346 11.38 -17.63 19.28
C SER A 346 12.42 -16.96 20.16
N ASP A 347 13.01 -17.72 21.07
CA ASP A 347 14.06 -17.23 21.93
C ASP A 347 15.42 -17.75 21.50
N ASP A 348 15.50 -18.41 20.34
CA ASP A 348 16.75 -18.98 19.89
C ASP A 348 17.02 -18.64 18.42
N GLU A 349 16.75 -17.39 18.03
CA GLU A 349 17.07 -16.90 16.70
C GLU A 349 16.32 -17.64 15.61
N GLY A 350 15.15 -18.18 15.92
CA GLY A 350 14.33 -18.87 14.93
C GLY A 350 14.53 -20.37 14.86
N ASP A 351 15.38 -20.94 15.70
CA ASP A 351 15.59 -22.39 15.65
C ASP A 351 14.33 -23.13 16.06
N THR A 352 13.65 -22.69 17.11
CA THR A 352 12.40 -23.27 17.54
C THR A 352 11.42 -22.14 17.82
N TRP A 353 10.12 -22.49 17.79
CA TRP A 353 9.05 -21.52 17.94
C TRP A 353 8.02 -22.03 18.94
N GLN A 354 7.46 -21.10 19.71
N GLN A 354 7.45 -21.09 19.68
CA GLN A 354 6.46 -21.40 20.72
CA GLN A 354 6.47 -21.38 20.72
C GLN A 354 5.30 -20.41 20.56
C GLN A 354 5.31 -20.39 20.58
N LEU A 355 4.19 -20.72 21.22
CA LEU A 355 3.01 -19.87 21.22
C LEU A 355 2.75 -19.35 22.61
N SER A 356 2.34 -18.09 22.68
CA SER A 356 1.90 -17.50 23.93
C SER A 356 0.55 -18.10 24.34
N ASP A 357 0.05 -17.64 25.49
CA ASP A 357 -1.35 -17.86 25.77
C ASP A 357 -2.19 -17.01 24.81
N CYS A 358 -3.48 -17.32 24.72
CA CYS A 358 -4.33 -16.59 23.79
C CYS A 358 -4.37 -15.11 24.13
N ALA A 359 -4.15 -14.28 23.12
CA ALA A 359 -4.08 -12.82 23.28
C ALA A 359 -5.39 -12.11 22.94
N TYR A 360 -6.21 -12.69 22.06
CA TYR A 360 -7.46 -12.02 21.68
C TYR A 360 -8.42 -13.03 21.09
N ARG A 361 -9.66 -13.03 21.57
N ARG A 361 -9.67 -12.99 21.54
CA ARG A 361 -10.69 -13.92 21.02
CA ARG A 361 -10.71 -13.87 21.04
C ARG A 361 -11.44 -13.20 19.89
C ARG A 361 -11.48 -13.17 19.91
N ARG A 362 -11.70 -13.93 18.79
N ARG A 362 -11.72 -13.91 18.82
CA ARG A 362 -12.35 -13.34 17.62
CA ARG A 362 -12.35 -13.33 17.62
C ARG A 362 -11.53 -12.16 17.10
C ARG A 362 -11.53 -12.16 17.10
N GLY A 363 -10.22 -12.37 17.01
CA GLY A 363 -9.30 -11.41 16.44
C GLY A 363 -9.08 -11.67 14.96
N ASP A 364 -8.02 -11.09 14.45
CA ASP A 364 -7.65 -11.18 13.03
C ASP A 364 -6.22 -10.64 12.98
N GLU A 365 -5.77 -10.15 11.82
CA GLU A 365 -4.39 -9.67 11.70
C GLU A 365 -4.04 -8.70 12.82
N ALA A 366 -2.95 -8.98 13.54
CA ALA A 366 -2.60 -8.17 14.70
C ALA A 366 -1.13 -7.82 14.65
N LYS A 367 -0.78 -6.69 15.25
CA LYS A 367 0.59 -6.19 15.23
C LYS A 367 1.03 -5.81 16.64
N LEU A 368 2.33 -5.76 16.85
CA LEU A 368 2.95 -5.50 18.15
C LEU A 368 3.85 -4.28 18.10
N SER A 369 3.90 -3.55 19.21
N SER A 369 3.88 -3.54 19.21
CA SER A 369 4.86 -2.46 19.34
CA SER A 369 4.78 -2.41 19.39
C SER A 369 5.26 -2.33 20.80
C SER A 369 5.30 -2.44 20.81
N LEU A 370 6.46 -1.80 21.02
CA LEU A 370 7.07 -1.75 22.35
C LEU A 370 6.71 -0.42 23.03
N MET A 371 6.06 -0.50 24.17
CA MET A 371 5.69 0.69 24.87
C MET A 371 6.93 1.28 25.55
N PRO A 372 6.91 2.58 25.88
CA PRO A 372 8.08 3.21 26.53
C PRO A 372 8.55 2.49 27.79
N ASP A 373 7.64 1.88 28.55
CA ASP A 373 8.00 1.24 29.81
C ASP A 373 8.33 -0.25 29.65
N GLY A 374 8.40 -0.75 28.42
CA GLY A 374 8.75 -2.13 28.18
C GLY A 374 7.57 -3.08 27.97
N ARG A 375 6.35 -2.67 28.26
CA ARG A 375 5.20 -3.50 27.96
C ARG A 375 5.03 -3.60 26.45
N VAL A 376 4.27 -4.59 26.01
CA VAL A 376 4.04 -4.83 24.58
C VAL A 376 2.59 -4.50 24.28
N LEU A 377 2.36 -3.61 23.32
CA LEU A 377 1.02 -3.24 22.88
C LEU A 377 0.66 -4.04 21.62
N MET A 378 -0.55 -4.64 21.61
CA MET A 378 -1.02 -5.33 20.43
C MET A 378 -2.23 -4.61 19.88
N SER A 379 -2.23 -4.42 18.57
CA SER A 379 -3.31 -3.79 17.83
C SER A 379 -3.93 -4.87 16.95
N ILE A 380 -5.25 -5.10 17.09
CA ILE A 380 -5.91 -6.23 16.44
C ILE A 380 -6.96 -5.72 15.46
N ARG A 381 -6.92 -6.21 14.23
CA ARG A 381 -7.93 -5.87 13.24
C ARG A 381 -9.30 -6.35 13.70
N ASN A 382 -10.29 -5.48 13.51
CA ASN A 382 -11.68 -5.82 13.80
C ASN A 382 -12.28 -6.45 12.54
N GLN A 383 -12.49 -7.77 12.56
CA GLN A 383 -13.06 -8.45 11.40
C GLN A 383 -14.52 -8.77 11.68
N GLY A 384 -15.38 -8.44 10.73
CA GLY A 384 -16.81 -8.70 10.88
C GLY A 384 -17.61 -7.61 11.55
N ARG A 385 -17.08 -6.38 11.60
N ARG A 385 -17.10 -6.37 11.60
CA ARG A 385 -17.83 -5.22 12.13
CA ARG A 385 -17.85 -5.22 12.13
C ARG A 385 -18.32 -5.47 13.56
C ARG A 385 -18.32 -5.48 13.56
N GLN A 386 -17.41 -5.96 14.39
CA GLN A 386 -17.77 -6.25 15.77
C GLN A 386 -17.88 -4.96 16.59
N GLU A 387 -18.65 -5.06 17.66
CA GLU A 387 -18.77 -4.01 18.68
C GLU A 387 -19.10 -2.67 18.00
N SER A 388 -18.33 -1.61 18.24
CA SER A 388 -18.56 -0.30 17.65
C SER A 388 -17.69 -0.06 16.41
N ARG A 389 -17.25 -1.13 15.76
CA ARG A 389 -16.44 -1.03 14.55
C ARG A 389 -15.11 -0.33 14.81
N GLN A 390 -14.61 -0.48 16.03
CA GLN A 390 -13.36 0.12 16.46
C GLN A 390 -12.21 -0.88 16.39
N ARG A 391 -11.00 -0.35 16.22
CA ARG A 391 -9.80 -1.16 16.35
C ARG A 391 -9.64 -1.68 17.78
N PHE A 392 -9.16 -2.91 17.93
CA PHE A 392 -9.04 -3.57 19.23
C PHE A 392 -7.58 -3.54 19.68
N PHE A 393 -7.36 -3.53 21.01
CA PHE A 393 -6.00 -3.46 21.54
C PHE A 393 -5.87 -4.34 22.77
N ALA A 394 -4.64 -4.80 23.03
CA ALA A 394 -4.33 -5.60 24.22
C ALA A 394 -2.92 -5.29 24.70
N LEU A 395 -2.63 -5.63 25.96
CA LEU A 395 -1.34 -5.31 26.57
C LEU A 395 -0.74 -6.54 27.23
N SER A 396 0.59 -6.65 27.14
CA SER A 396 1.33 -7.68 27.85
C SER A 396 2.47 -7.05 28.62
N SER A 397 2.69 -7.49 29.85
CA SER A 397 3.80 -7.00 30.65
C SER A 397 4.85 -8.08 30.90
N ASP A 398 4.75 -9.21 30.21
CA ASP A 398 5.68 -10.32 30.38
C ASP A 398 6.30 -10.71 29.06
N ASP A 399 6.56 -9.72 28.20
CA ASP A 399 7.23 -9.92 26.93
C ASP A 399 6.44 -10.85 26.02
N GLY A 400 5.10 -10.74 26.08
CA GLY A 400 4.22 -11.32 25.10
C GLY A 400 3.63 -12.68 25.45
N LEU A 401 3.91 -13.19 26.64
CA LEU A 401 3.41 -14.51 27.02
C LEU A 401 1.94 -14.48 27.41
N THR A 402 1.51 -13.43 28.14
CA THR A 402 0.12 -13.33 28.57
C THR A 402 -0.40 -11.94 28.29
N TRP A 403 -1.73 -11.81 28.19
CA TRP A 403 -2.33 -10.65 27.56
C TRP A 403 -3.62 -10.27 28.28
N GLU A 404 -3.96 -8.98 28.23
N GLU A 404 -3.95 -8.98 28.22
CA GLU A 404 -5.25 -8.49 28.70
CA GLU A 404 -5.21 -8.45 28.70
C GLU A 404 -5.75 -7.38 27.79
C GLU A 404 -5.72 -7.46 27.67
N ARG A 405 -7.04 -7.41 27.47
CA ARG A 405 -7.60 -6.42 26.56
C ARG A 405 -7.38 -5.03 27.16
N ALA A 406 -7.09 -4.07 26.28
CA ALA A 406 -6.73 -2.71 26.70
C ALA A 406 -7.69 -1.74 26.03
N LYS A 407 -8.89 -1.62 26.61
CA LYS A 407 -9.90 -0.76 26.02
C LYS A 407 -9.48 0.71 26.05
N GLN A 408 -8.54 1.08 26.90
CA GLN A 408 -8.17 2.49 27.01
C GLN A 408 -7.47 2.97 25.74
N PHE A 409 -6.96 2.05 24.91
CA PHE A 409 -6.30 2.43 23.68
C PHE A 409 -7.27 2.51 22.53
N GLU A 410 -8.52 2.11 22.74
N GLU A 410 -8.52 2.11 22.74
CA GLU A 410 -9.47 2.14 21.64
CA GLU A 410 -9.47 2.19 21.66
C GLU A 410 -9.95 3.59 21.46
C GLU A 410 -9.84 3.65 21.42
N GLY A 411 -10.39 3.90 20.25
CA GLY A 411 -10.84 5.23 19.96
C GLY A 411 -10.72 5.56 18.48
N ILE A 412 -10.21 4.63 17.67
CA ILE A 412 -10.14 4.82 16.22
C ILE A 412 -10.99 3.75 15.54
N HIS A 413 -11.61 4.13 14.45
CA HIS A 413 -12.39 3.20 13.63
C HIS A 413 -11.48 2.25 12.86
N ASP A 414 -11.91 1.00 12.73
CA ASP A 414 -11.23 0.03 11.87
C ASP A 414 -12.26 -0.52 10.90
N PRO A 415 -12.17 -0.20 9.60
CA PRO A 415 -13.11 -0.79 8.63
C PRO A 415 -12.83 -2.27 8.34
N GLY A 416 -11.83 -2.85 8.98
CA GLY A 416 -11.49 -4.26 8.87
C GLY A 416 -10.30 -4.42 7.95
N CYS A 417 -9.11 -3.97 8.35
CA CYS A 417 -7.98 -3.88 7.44
C CYS A 417 -6.71 -3.95 8.26
N ASN A 418 -5.64 -4.45 7.65
CA ASN A 418 -4.32 -4.44 8.28
C ASN A 418 -3.76 -3.03 8.28
N GLY A 419 -2.91 -2.74 9.27
CA GLY A 419 -2.17 -1.49 9.32
C GLY A 419 -1.01 -1.69 10.28
N ALA A 420 -0.40 -0.58 10.72
CA ALA A 420 0.87 -0.71 11.40
C ALA A 420 0.99 0.34 12.50
N MET A 421 1.97 0.15 13.41
CA MET A 421 2.16 1.08 14.50
C MET A 421 3.63 1.49 14.54
N LEU A 422 3.93 2.71 14.97
CA LEU A 422 5.28 3.13 15.32
C LEU A 422 5.22 3.86 16.64
N GLN A 423 6.12 3.53 17.57
CA GLN A 423 6.25 4.29 18.80
C GLN A 423 7.16 5.48 18.53
N VAL A 424 6.66 6.68 18.78
CA VAL A 424 7.39 7.91 18.44
C VAL A 424 7.38 8.82 19.64
N LYS A 425 8.28 9.79 19.61
CA LYS A 425 8.31 10.84 20.61
C LYS A 425 8.14 12.13 19.82
N ARG A 426 7.22 12.97 20.28
N ARG A 426 7.23 12.99 20.29
CA ARG A 426 6.94 14.22 19.58
CA ARG A 426 6.92 14.22 19.58
C ARG A 426 6.75 15.32 20.59
C ARG A 426 6.75 15.32 20.61
N ASN A 427 7.57 16.37 20.50
CA ASN A 427 7.51 17.50 21.42
C ASN A 427 7.66 17.03 22.87
N GLY A 428 8.51 16.02 23.07
CA GLY A 428 8.75 15.49 24.40
C GLY A 428 7.72 14.50 24.91
N ARG A 429 6.74 14.10 24.10
CA ARG A 429 5.65 13.21 24.55
C ARG A 429 5.74 11.88 23.84
N ASP A 430 5.60 10.79 24.58
CA ASP A 430 5.58 9.46 23.98
C ASP A 430 4.22 9.21 23.34
N GLN A 431 4.21 8.82 22.07
CA GLN A 431 2.97 8.62 21.33
C GLN A 431 3.11 7.38 20.45
N VAL A 432 2.00 6.85 19.97
N VAL A 432 1.98 6.88 19.98
CA VAL A 432 2.09 5.78 18.98
CA VAL A 432 1.92 5.80 19.00
C VAL A 432 1.35 6.23 17.73
C VAL A 432 1.34 6.37 17.71
N LEU A 433 2.05 6.19 16.60
CA LEU A 433 1.49 6.48 15.31
C LEU A 433 0.86 5.19 14.78
N HIS A 434 -0.35 5.27 14.24
CA HIS A 434 -1.03 4.08 13.69
C HIS A 434 -1.58 4.44 12.33
N SER A 435 -1.36 3.55 11.34
CA SER A 435 -1.91 3.73 10.02
C SER A 435 -3.11 2.79 9.85
N LEU A 436 -4.15 3.29 9.20
CA LEU A 436 -5.35 2.53 8.85
C LEU A 436 -6.10 3.33 7.80
N PRO A 437 -6.97 2.70 7.01
CA PRO A 437 -7.89 3.50 6.18
C PRO A 437 -8.91 4.21 7.07
N LEU A 438 -9.26 5.45 6.71
CA LEU A 438 -10.25 6.20 7.46
C LEU A 438 -11.66 5.69 7.19
N GLY A 439 -11.95 5.28 5.96
CA GLY A 439 -13.29 4.88 5.63
C GLY A 439 -14.18 6.09 5.61
N PRO A 440 -15.31 6.02 6.32
CA PRO A 440 -15.71 4.96 7.23
C PRO A 440 -16.23 3.75 6.49
N ASP A 441 -16.05 2.56 7.08
CA ASP A 441 -16.72 1.35 6.59
C ASP A 441 -16.33 1.02 5.15
N GLY A 442 -15.09 1.34 4.78
CA GLY A 442 -14.55 0.99 3.49
C GLY A 442 -13.08 1.29 3.46
N ARG A 443 -12.41 0.72 2.46
CA ARG A 443 -10.97 0.87 2.33
C ARG A 443 -10.71 2.11 1.48
N ARG A 444 -10.82 3.27 2.13
N ARG A 444 -10.83 3.26 2.14
CA ARG A 444 -10.68 4.55 1.46
CA ARG A 444 -10.69 4.55 1.49
C ARG A 444 -10.00 5.54 2.38
C ARG A 444 -9.94 5.50 2.41
N ASP A 445 -9.14 6.40 1.79
CA ASP A 445 -8.45 7.48 2.51
C ASP A 445 -7.44 6.95 3.52
N GLY A 446 -6.24 6.61 3.04
CA GLY A 446 -5.23 6.04 3.90
C GLY A 446 -4.77 7.07 4.91
N ALA A 447 -4.90 6.77 6.19
CA ALA A 447 -4.68 7.77 7.23
C ALA A 447 -3.66 7.32 8.26
N VAL A 448 -3.17 8.30 9.01
CA VAL A 448 -2.43 8.03 10.23
C VAL A 448 -3.06 8.82 11.37
N TYR A 449 -2.89 8.29 12.59
CA TYR A 449 -3.33 8.94 13.81
C TYR A 449 -2.20 8.83 14.83
N LEU A 450 -2.18 9.76 15.80
CA LEU A 450 -1.28 9.70 16.94
C LEU A 450 -2.07 9.46 18.22
N PHE A 451 -1.67 8.46 19.00
CA PHE A 451 -2.25 8.24 20.33
C PHE A 451 -1.28 8.77 21.37
N ASP A 452 -1.76 9.65 22.23
CA ASP A 452 -0.94 10.22 23.30
C ASP A 452 -1.07 9.32 24.52
N HIS A 453 0.03 8.69 24.92
CA HIS A 453 0.01 7.73 26.02
C HIS A 453 -0.45 8.37 27.33
N VAL A 454 -0.06 9.60 27.55
CA VAL A 454 -0.31 10.18 28.87
C VAL A 454 -1.76 10.65 29.00
N SER A 455 -2.30 11.28 27.96
CA SER A 455 -3.69 11.72 27.99
C SER A 455 -4.66 10.61 27.61
N GLY A 456 -4.17 9.53 26.99
CA GLY A 456 -5.06 8.46 26.59
C GLY A 456 -5.99 8.80 25.44
N ARG A 457 -5.60 9.72 24.57
CA ARG A 457 -6.47 10.25 23.53
C ARG A 457 -5.80 10.13 22.17
N TRP A 458 -6.62 9.85 21.15
CA TRP A 458 -6.19 9.83 19.76
C TRP A 458 -6.37 11.19 19.10
N SER A 459 -5.43 11.53 18.21
CA SER A 459 -5.57 12.71 17.38
C SER A 459 -6.68 12.50 16.35
N ALA A 460 -7.08 13.61 15.73
CA ALA A 460 -7.80 13.50 14.47
C ALA A 460 -6.92 12.80 13.45
N PRO A 461 -7.52 12.09 12.50
CA PRO A 461 -6.72 11.46 11.46
C PRO A 461 -6.17 12.50 10.50
N VAL A 462 -5.03 12.15 9.91
CA VAL A 462 -4.47 12.88 8.78
C VAL A 462 -4.43 11.92 7.59
N VAL A 463 -5.09 12.31 6.50
CA VAL A 463 -5.12 11.45 5.30
C VAL A 463 -3.83 11.64 4.52
N VAL A 464 -3.06 10.58 4.41
CA VAL A 464 -1.81 10.60 3.66
C VAL A 464 -2.08 10.42 2.17
N ASN A 465 -2.98 9.52 1.82
CA ASN A 465 -3.29 9.20 0.42
C ASN A 465 -4.80 9.06 0.29
N SER A 466 -5.42 10.04 -0.35
CA SER A 466 -6.86 9.98 -0.56
C SER A 466 -7.18 8.92 -1.61
N GLY A 467 -8.44 8.51 -1.64
CA GLY A 467 -8.88 7.50 -2.60
C GLY A 467 -8.82 6.10 -2.02
N SER A 468 -8.95 5.11 -2.90
N SER A 468 -8.95 5.11 -2.89
CA SER A 468 -8.91 3.72 -2.42
CA SER A 468 -8.91 3.72 -2.44
C SER A 468 -7.59 3.45 -1.72
C SER A 468 -7.59 3.44 -1.73
N SER A 469 -7.67 2.91 -0.51
CA SER A 469 -6.47 2.66 0.28
C SER A 469 -6.72 1.49 1.22
N ALA A 470 -5.74 0.59 1.31
CA ALA A 470 -5.95 -0.64 2.07
C ALA A 470 -4.78 -0.89 3.02
N TYR A 471 -4.06 -2.00 2.85
CA TYR A 471 -3.04 -2.34 3.84
C TYR A 471 -1.91 -1.33 3.82
N SER A 472 -1.30 -1.15 4.99
CA SER A 472 -0.17 -0.23 5.13
C SER A 472 0.85 -0.83 6.11
N ASP A 473 2.14 -0.52 5.85
CA ASP A 473 3.22 -0.82 6.80
C ASP A 473 4.06 0.44 6.95
N MET A 474 4.77 0.56 8.07
CA MET A 474 5.54 1.77 8.33
C MET A 474 6.84 1.38 9.03
N THR A 475 7.88 2.17 8.76
CA THR A 475 9.15 2.02 9.47
C THR A 475 9.72 3.40 9.75
N LEU A 476 10.60 3.48 10.75
CA LEU A 476 11.32 4.70 11.07
C LEU A 476 12.69 4.66 10.41
N LEU A 477 12.99 5.66 9.58
CA LEU A 477 14.34 5.68 9.00
C LEU A 477 15.35 6.31 9.97
N ALA A 478 16.64 6.11 9.68
CA ALA A 478 17.69 6.52 10.62
C ALA A 478 17.66 8.02 10.84
N ASP A 479 17.37 8.79 9.79
CA ASP A 479 17.45 10.24 9.90
C ASP A 479 16.17 10.86 10.47
N GLY A 480 15.25 10.03 10.96
CA GLY A 480 14.02 10.48 11.57
C GLY A 480 12.82 10.52 10.67
N THR A 481 12.99 10.21 9.39
N THR A 481 12.97 10.24 9.38
CA THR A 481 11.87 10.15 8.46
CA THR A 481 11.78 10.23 8.55
C THR A 481 11.03 8.90 8.73
C THR A 481 11.01 8.93 8.75
N ILE A 482 9.75 8.96 8.38
CA ILE A 482 8.88 7.80 8.43
C ILE A 482 8.68 7.32 7.01
N GLY A 483 8.83 6.00 6.80
CA GLY A 483 8.52 5.38 5.53
C GLY A 483 7.20 4.66 5.65
N TYR A 484 6.29 5.00 4.77
CA TYR A 484 4.91 4.51 4.82
C TYR A 484 4.62 3.81 3.51
N PHE A 485 4.29 2.52 3.56
CA PHE A 485 4.23 1.66 2.36
C PHE A 485 2.78 1.19 2.28
N VAL A 486 2.02 1.63 1.27
CA VAL A 486 0.57 1.54 1.28
C VAL A 486 0.04 0.99 -0.03
N GLU A 487 -1.12 0.33 0.06
CA GLU A 487 -1.87 -0.13 -1.12
C GLU A 487 -2.77 1.01 -1.60
N GLU A 488 -2.41 1.63 -2.72
CA GLU A 488 -3.19 2.70 -3.33
C GLU A 488 -4.02 2.18 -4.50
N GLY A 489 -5.28 2.56 -4.56
CA GLY A 489 -6.09 2.35 -5.75
C GLY A 489 -6.95 1.08 -5.69
N ASP A 490 -7.95 1.02 -6.58
N ASP A 490 -7.94 1.01 -6.58
CA ASP A 490 -8.75 -0.19 -6.66
CA ASP A 490 -8.78 -0.17 -6.62
C ASP A 490 -7.91 -1.34 -7.20
C ASP A 490 -8.04 -1.35 -7.23
N GLU A 491 -7.29 -1.14 -8.37
N GLU A 491 -7.33 -1.12 -8.34
CA GLU A 491 -6.24 -2.02 -8.88
CA GLU A 491 -6.30 -2.03 -8.82
C GLU A 491 -4.96 -1.55 -8.20
C GLU A 491 -5.00 -1.55 -8.18
N ILE A 492 -4.50 -2.32 -7.22
CA ILE A 492 -3.55 -1.79 -6.24
C ILE A 492 -2.15 -1.61 -6.82
N SER A 493 -1.54 -0.46 -6.51
CA SER A 493 -0.09 -0.30 -6.57
C SER A 493 0.42 -0.11 -5.14
N LEU A 494 1.63 -0.56 -4.90
CA LEU A 494 2.23 -0.44 -3.57
C LEU A 494 3.20 0.73 -3.59
N VAL A 495 2.93 1.74 -2.75
CA VAL A 495 3.55 3.06 -2.87
C VAL A 495 4.28 3.36 -1.59
N PHE A 496 5.54 3.77 -1.71
CA PHE A 496 6.38 4.13 -0.57
C PHE A 496 6.45 5.65 -0.47
N ILE A 497 5.97 6.16 0.66
CA ILE A 497 5.88 7.59 0.90
C ILE A 497 6.76 7.91 2.10
N ARG A 498 7.53 9.00 2.01
CA ARG A 498 8.42 9.43 3.09
C ARG A 498 8.00 10.81 3.56
N PHE A 499 7.88 10.96 4.88
CA PHE A 499 7.53 12.25 5.48
C PHE A 499 8.11 12.30 6.89
N VAL A 500 8.13 13.50 7.50
CA VAL A 500 8.33 13.59 8.95
C VAL A 500 6.99 13.93 9.58
N LEU A 501 6.86 13.64 10.88
CA LEU A 501 5.58 13.82 11.56
C LEU A 501 5.06 15.26 11.44
N ASP A 502 5.94 16.27 11.55
CA ASP A 502 5.50 17.66 11.47
C ASP A 502 4.92 18.00 10.11
N ASP A 503 5.31 17.27 9.05
CA ASP A 503 4.71 17.55 7.75
C ASP A 503 3.22 17.24 7.76
N LEU A 504 2.79 16.33 8.61
CA LEU A 504 1.41 15.87 8.65
C LEU A 504 0.60 16.51 9.76
N PHE A 505 1.23 16.73 10.92
CA PHE A 505 0.53 17.16 12.12
C PHE A 505 0.77 18.61 12.53
N ASP A 506 1.86 19.23 12.09
CA ASP A 506 2.06 20.66 12.37
C ASP A 506 1.17 21.54 11.50
C1 SIA B . -7.67 -8.76 2.94
C2 SIA B . -7.02 -10.14 2.89
C3 SIA B . -5.56 -10.13 2.43
C4 SIA B . -4.70 -11.26 2.90
C5 SIA B . -5.48 -12.36 3.58
C6 SIA B . -6.29 -11.77 4.72
C7 SIA B . -7.14 -12.78 5.45
C8 SIA B . -8.09 -12.06 6.42
C9 SIA B . -8.78 -13.13 7.29
C10 SIA B . -4.72 -14.75 4.01
C11 SIA B . -3.62 -15.71 4.44
N5 SIA B . -4.46 -13.33 4.06
O1A SIA B . -7.39 -7.86 2.11
O1B SIA B . -8.55 -8.50 3.81
O2 SIA B . -7.74 -10.89 2.00
O4 SIA B . -3.97 -11.81 1.77
O6 SIA B . -7.23 -10.75 4.23
O7 SIA B . -7.93 -13.57 4.57
O8 SIA B . -7.35 -11.17 7.22
O9 SIA B . -9.91 -12.57 7.90
O10 SIA B . -5.79 -15.20 3.65
C1 PEG C . -4.19 -24.30 23.70
O1 PEG C . -3.75 -25.44 24.38
C2 PEG C . -3.31 -23.08 24.01
O2 PEG C . -1.98 -23.37 23.70
C3 PEG C . -1.21 -22.21 23.51
C4 PEG C . -0.16 -22.06 24.60
O4 PEG C . 0.77 -23.11 24.53
C1 PGE D . -1.11 16.41 17.72
O1 PGE D . -2.01 16.70 16.70
C2 PGE D . -1.09 14.92 18.03
O2 PGE D . -2.14 14.56 18.89
C3 PGE D . -1.82 13.60 19.85
C4 PGE D . -3.08 13.16 20.60
O4 PGE D . -5.50 15.86 22.74
C6 PGE D . -5.98 15.19 21.61
C5 PGE D . -5.16 13.93 21.35
O3 PGE D . -3.86 14.27 20.94
C1 PGE E . 18.39 -15.17 23.13
O1 PGE E . 19.17 -14.81 24.23
C2 PGE E . 17.07 -14.42 23.17
O2 PGE E . 16.42 -14.71 24.38
C3 PGE E . 15.13 -14.17 24.50
C4 PGE E . 14.52 -14.67 25.80
O4 PGE E . 16.16 -12.73 28.93
C6 PGE E . 14.93 -13.35 29.18
C5 PGE E . 14.66 -14.39 28.10
O3 PGE E . 14.96 -13.87 26.84
C1 GAL F . -9.96 25.73 -36.95
C2 GAL F . -10.09 24.37 -37.58
C3 GAL F . -10.49 24.48 -39.06
C4 GAL F . -11.03 25.89 -39.44
C5 GAL F . -11.79 26.57 -38.25
C6 GAL F . -13.29 26.24 -38.19
O1 GAL F . -9.44 25.62 -35.64
O2 GAL F . -8.87 23.70 -37.51
O3 GAL F . -11.50 23.54 -39.43
O4 GAL F . -11.89 25.77 -40.56
O5 GAL F . -11.25 26.29 -36.93
O6 GAL F . -13.91 26.77 -37.02
#